data_7YP2
#
_entry.id   7YP2
#
loop_
_entity.id
_entity.type
_entity.pdbx_description
1 polymer 'Envelope glycoprotein H'
2 polymer '6H2 heavy chain'
3 polymer '6H2 light chain'
#
loop_
_entity_poly.entity_id
_entity_poly.type
_entity_poly.pdbx_seq_one_letter_code
_entity_poly.pdbx_strand_id
1 'polypeptide(L)'
;MEELGHLTTEKQEYALRLATVGYPKAGVYSGLIGGATSVLLSAYNRHPLFQPLHTVMRETLFIGSHVVLRELRLNVTTQG
PNLALYQLLSTALCSALEIGEVLRGLALGTESGLFSPCYLSLRFDLTRDKLLSMAPQEATLDQAAVSNAVDGFLGRLSLE
REDRDAWHLPAYKCVDRLDKVLMIIPLINVTFIISSDREVRGSALYEASTTYLSSSLFLSPVIMNKCSQGAVAGEPRQIP
KIQNFTRTQKSCIFCGFALLSYDEKEGLETTTYITSQEVQNSILSSNYFDFDNLHVHYLLLTTNGTVMEIAGLY
;
A
2 'polypeptide(L)'
;EVKLLESGGGLVQPGGSLKLSCAASGFDFSRYWMTWVRQAPGQGLEWIGEINPDSSTINYTPSLKDKFIISRDNAKNTLY
LQVSKLRSEDTALYYCARSPYYYGSSYDVWGAGTAVTVSS
;
H
3 'polypeptide(L)'
;DIVMSQSPSSLAVSAGEKVTMNCKSSQSLLNSRTRKNYLAWYQQKPGQSPKLLIYWASTRESGVPDRFTGSGSGTDFTLT
ISSVQAEDLAFYYCKQSYNLPTFGGGTKLEIK
;
L
#
# COMPACT_ATOMS: atom_id res chain seq x y z
N MET A 1 -12.87 32.53 -18.92
CA MET A 1 -13.50 31.50 -18.09
C MET A 1 -12.64 30.25 -18.05
N GLU A 2 -12.18 29.82 -19.22
CA GLU A 2 -11.30 28.65 -19.27
C GLU A 2 -9.93 28.97 -18.69
N GLU A 3 -9.47 30.20 -18.86
CA GLU A 3 -8.21 30.65 -18.25
C GLU A 3 -8.51 31.34 -16.93
N LEU A 4 -9.19 30.63 -16.04
CA LEU A 4 -9.47 31.15 -14.71
C LEU A 4 -8.37 30.83 -13.71
N GLY A 5 -7.67 29.72 -13.89
CA GLY A 5 -6.61 29.36 -12.98
C GLY A 5 -5.35 30.16 -13.08
N HIS A 6 -5.22 31.05 -14.07
CA HIS A 6 -4.06 31.90 -14.21
C HIS A 6 -4.25 33.27 -13.56
N LEU A 7 -5.20 33.41 -12.66
CA LEU A 7 -5.38 34.64 -11.91
C LEU A 7 -4.75 34.52 -10.53
N THR A 8 -4.73 35.64 -9.81
CA THR A 8 -4.25 35.66 -8.44
C THR A 8 -5.20 34.86 -7.56
N THR A 9 -4.64 34.21 -6.53
CA THR A 9 -5.44 33.34 -5.65
C THR A 9 -6.48 34.13 -4.86
N GLU A 10 -6.24 35.42 -4.63
CA GLU A 10 -7.24 36.28 -4.02
C GLU A 10 -8.44 36.45 -4.95
N LYS A 11 -8.20 36.66 -6.23
CA LYS A 11 -9.26 36.80 -7.20
C LYS A 11 -9.67 35.49 -7.84
N GLN A 12 -9.21 34.35 -7.31
CA GLN A 12 -9.71 33.06 -7.79
C GLN A 12 -10.93 32.63 -7.02
N GLU A 13 -10.92 32.80 -5.70
CA GLU A 13 -12.09 32.45 -4.91
C GLU A 13 -13.20 33.46 -5.08
N TYR A 14 -12.86 34.72 -5.34
CA TYR A 14 -13.89 35.75 -5.51
C TYR A 14 -14.64 35.58 -6.82
N ALA A 15 -14.00 35.01 -7.84
CA ALA A 15 -14.72 34.69 -9.07
C ALA A 15 -15.44 33.36 -9.01
N LEU A 16 -15.23 32.57 -7.95
CA LEU A 16 -15.95 31.33 -7.78
C LEU A 16 -17.03 31.44 -6.71
N ARG A 17 -16.95 32.45 -5.86
CA ARG A 17 -18.09 32.77 -4.99
C ARG A 17 -19.17 33.49 -5.76
N LEU A 18 -18.78 34.27 -6.77
CA LEU A 18 -19.74 34.96 -7.61
C LEU A 18 -20.47 34.00 -8.54
N ALA A 19 -19.88 32.85 -8.82
CA ALA A 19 -20.54 31.88 -9.69
C ALA A 19 -21.67 31.16 -8.95
N THR A 20 -21.39 30.71 -7.72
CA THR A 20 -22.41 30.02 -6.93
C THR A 20 -23.52 30.96 -6.47
N VAL A 21 -23.21 32.22 -6.13
CA VAL A 21 -24.25 33.12 -5.68
C VAL A 21 -25.05 33.66 -6.85
N GLY A 22 -24.54 33.54 -8.07
CA GLY A 22 -25.21 34.03 -9.25
C GLY A 22 -25.81 32.96 -10.13
N TYR A 23 -25.58 31.68 -9.83
CA TYR A 23 -26.15 30.58 -10.59
C TYR A 23 -26.48 29.44 -9.63
N PRO A 24 -27.55 29.59 -8.83
CA PRO A 24 -27.74 28.67 -7.71
C PRO A 24 -28.33 27.32 -8.10
N LYS A 25 -29.21 27.28 -9.09
CA LYS A 25 -29.80 26.03 -9.54
C LYS A 25 -29.04 25.53 -10.77
N ALA A 26 -28.76 24.24 -10.79
CA ALA A 26 -27.93 23.68 -11.85
C ALA A 26 -28.69 23.56 -13.15
N GLY A 27 -27.97 23.69 -14.27
CA GLY A 27 -28.50 23.47 -15.59
C GLY A 27 -28.62 24.73 -16.43
N VAL A 28 -28.71 25.90 -15.80
CA VAL A 28 -28.92 27.13 -16.57
C VAL A 28 -27.62 27.60 -17.21
N TYR A 29 -26.51 27.44 -16.52
CA TYR A 29 -25.18 27.68 -17.08
C TYR A 29 -24.29 26.56 -16.59
N SER A 30 -24.22 25.47 -17.36
CA SER A 30 -23.39 24.35 -16.99
C SER A 30 -21.94 24.54 -17.39
N GLY A 31 -21.62 25.64 -18.07
CA GLY A 31 -20.25 25.92 -18.44
C GLY A 31 -19.37 26.42 -17.30
N LEU A 32 -19.90 26.50 -16.08
CA LEU A 32 -19.09 26.90 -14.94
C LEU A 32 -18.11 25.82 -14.51
N ILE A 33 -18.27 24.59 -14.99
CA ILE A 33 -17.34 23.53 -14.63
C ILE A 33 -16.02 23.72 -15.36
N GLY A 34 -16.01 24.49 -16.44
CA GLY A 34 -14.74 24.87 -17.05
C GLY A 34 -13.93 25.80 -16.18
N GLY A 35 -14.60 26.56 -15.31
CA GLY A 35 -13.89 27.40 -14.37
C GLY A 35 -13.48 26.67 -13.12
N ALA A 36 -14.28 25.70 -12.69
CA ALA A 36 -13.97 24.97 -11.46
C ALA A 36 -12.88 23.93 -11.70
N THR A 37 -12.75 23.45 -12.93
CA THR A 37 -11.68 22.52 -13.26
C THR A 37 -10.36 23.24 -13.47
N SER A 38 -10.39 24.42 -14.09
CA SER A 38 -9.14 25.13 -14.38
C SER A 38 -8.55 25.75 -13.13
N VAL A 39 -9.34 25.90 -12.08
CA VAL A 39 -8.78 26.25 -10.77
C VAL A 39 -8.09 25.05 -10.17
N LEU A 40 -8.66 23.86 -10.35
CA LEU A 40 -8.04 22.63 -9.86
C LEU A 40 -6.80 22.27 -10.68
N LEU A 41 -6.86 22.44 -12.00
CA LEU A 41 -5.73 22.08 -12.84
C LEU A 41 -4.58 23.06 -12.68
N SER A 42 -4.87 24.29 -12.26
CA SER A 42 -3.80 25.23 -11.96
C SER A 42 -3.33 25.13 -10.52
N ALA A 43 -4.07 24.41 -9.67
CA ALA A 43 -3.57 24.14 -8.33
C ALA A 43 -2.87 22.79 -8.26
N TYR A 44 -2.95 22.01 -9.32
CA TYR A 44 -2.26 20.72 -9.36
C TYR A 44 -0.89 20.81 -10.02
N ASN A 45 -0.71 21.77 -10.94
CA ASN A 45 0.58 21.96 -11.59
C ASN A 45 1.61 22.63 -10.69
N ARG A 46 1.19 23.19 -9.55
CA ARG A 46 2.10 23.87 -8.64
C ARG A 46 2.06 23.28 -7.24
N HIS A 47 1.40 22.16 -7.06
CA HIS A 47 1.33 21.51 -5.77
C HIS A 47 2.53 20.58 -5.59
N PRO A 48 3.23 20.63 -4.46
CA PRO A 48 4.25 19.61 -4.16
C PRO A 48 3.64 18.22 -4.09
N LEU A 49 4.20 17.29 -4.86
CA LEU A 49 3.52 16.03 -5.11
C LEU A 49 3.47 15.15 -3.88
N PHE A 50 2.34 14.42 -3.74
CA PHE A 50 2.02 13.44 -2.70
C PHE A 50 1.92 14.03 -1.30
N GLN A 51 2.05 15.35 -1.15
CA GLN A 51 1.97 15.98 0.14
C GLN A 51 0.52 16.28 0.49
N PRO A 52 0.18 16.37 1.78
CA PRO A 52 -1.19 16.71 2.15
C PRO A 52 -1.54 18.13 1.72
N LEU A 53 -2.80 18.32 1.35
CA LEU A 53 -3.27 19.60 0.85
C LEU A 53 -3.30 20.62 1.98
N HIS A 54 -2.51 21.68 1.86
CA HIS A 54 -2.36 22.64 2.94
C HIS A 54 -3.58 23.56 3.00
N THR A 55 -3.59 24.43 4.02
CA THR A 55 -4.84 25.08 4.41
C THR A 55 -5.18 26.26 3.50
N VAL A 56 -4.25 26.69 2.64
CA VAL A 56 -4.58 27.75 1.70
C VAL A 56 -5.26 27.19 0.45
N MET A 57 -4.73 26.08 -0.08
CA MET A 57 -5.37 25.45 -1.23
C MET A 57 -6.66 24.75 -0.85
N ARG A 58 -6.79 24.30 0.39
CA ARG A 58 -7.99 23.55 0.79
C ARG A 58 -9.19 24.48 0.93
N GLU A 59 -8.95 25.78 1.13
CA GLU A 59 -10.06 26.73 1.13
C GLU A 59 -10.44 27.12 -0.28
N THR A 60 -9.45 27.20 -1.19
CA THR A 60 -9.75 27.58 -2.57
C THR A 60 -10.45 26.46 -3.31
N LEU A 61 -10.04 25.21 -3.07
CA LEU A 61 -10.67 24.09 -3.75
C LEU A 61 -12.06 23.77 -3.20
N PHE A 62 -12.33 24.14 -1.94
CA PHE A 62 -13.66 23.89 -1.38
C PHE A 62 -14.69 24.85 -1.96
N ILE A 63 -14.29 26.06 -2.33
CA ILE A 63 -15.20 27.01 -2.95
C ILE A 63 -15.64 26.52 -4.32
N GLY A 64 -14.69 26.06 -5.13
CA GLY A 64 -14.98 25.62 -6.48
C GLY A 64 -15.23 24.14 -6.59
N SER A 65 -15.55 23.48 -5.49
CA SER A 65 -16.03 22.12 -5.53
C SER A 65 -17.54 22.03 -5.50
N HIS A 66 -18.22 23.09 -5.05
CA HIS A 66 -19.67 23.06 -4.98
CA HIS A 66 -19.67 23.06 -4.98
C HIS A 66 -20.30 23.22 -6.36
N VAL A 67 -19.60 23.88 -7.29
CA VAL A 67 -20.15 24.03 -8.62
C VAL A 67 -20.05 22.73 -9.40
N VAL A 68 -19.06 21.89 -9.10
CA VAL A 68 -19.04 20.54 -9.63
C VAL A 68 -20.11 19.68 -8.97
N LEU A 69 -20.23 19.78 -7.64
CA LEU A 69 -21.11 18.91 -6.88
C LEU A 69 -22.59 19.23 -7.09
N ARG A 70 -22.91 20.41 -7.63
CA ARG A 70 -24.28 20.67 -8.06
C ARG A 70 -24.61 19.96 -9.36
N GLU A 71 -23.61 19.49 -10.09
CA GLU A 71 -23.83 18.92 -11.41
C GLU A 71 -23.72 17.40 -11.43
N LEU A 72 -23.20 16.78 -10.38
CA LEU A 72 -23.20 15.32 -10.30
C LEU A 72 -24.54 14.79 -9.84
N ARG A 73 -25.34 15.62 -9.18
CA ARG A 73 -26.65 15.19 -8.71
C ARG A 73 -27.69 15.14 -9.82
N LEU A 74 -27.37 15.64 -11.01
CA LEU A 74 -28.28 15.56 -12.14
C LEU A 74 -28.09 14.23 -12.86
N ASN A 75 -28.72 14.09 -14.03
CA ASN A 75 -28.57 12.89 -14.85
C ASN A 75 -27.95 13.19 -16.21
N VAL A 76 -28.40 14.24 -16.89
CA VAL A 76 -27.86 14.63 -18.18
C VAL A 76 -27.19 16.00 -18.04
N THR A 77 -25.94 16.08 -18.51
CA THR A 77 -25.15 17.31 -18.41
C THR A 77 -24.41 17.53 -19.71
N THR A 78 -24.15 18.80 -20.01
CA THR A 78 -23.38 19.13 -21.20
C THR A 78 -21.91 18.83 -21.01
N GLN A 79 -21.37 19.18 -19.84
CA GLN A 79 -19.93 19.02 -19.57
C GLN A 79 -19.66 17.58 -19.20
N GLY A 80 -19.20 16.82 -20.19
CA GLY A 80 -18.73 15.47 -19.99
C GLY A 80 -17.23 15.36 -19.80
N PRO A 81 -16.44 15.93 -20.72
CA PRO A 81 -14.97 15.94 -20.50
C PRO A 81 -14.50 16.76 -19.31
N ASN A 82 -15.06 17.96 -19.11
CA ASN A 82 -14.59 18.81 -18.01
C ASN A 82 -15.01 18.24 -16.66
N LEU A 83 -16.10 17.51 -16.62
CA LEU A 83 -16.50 16.86 -15.37
C LEU A 83 -15.60 15.70 -15.04
N ALA A 84 -15.21 14.92 -16.05
CA ALA A 84 -14.34 13.78 -15.82
C ALA A 84 -12.90 14.20 -15.61
N LEU A 85 -12.54 15.42 -16.02
CA LEU A 85 -11.20 15.92 -15.74
C LEU A 85 -11.08 16.36 -14.29
N TYR A 86 -12.19 16.76 -13.67
CA TYR A 86 -12.17 17.08 -12.25
C TYR A 86 -12.02 15.81 -11.42
N GLN A 87 -12.51 14.68 -11.92
CA GLN A 87 -12.43 13.44 -11.16
C GLN A 87 -11.02 12.88 -11.17
N LEU A 88 -10.34 12.96 -12.31
CA LEU A 88 -9.01 12.37 -12.42
C LEU A 88 -7.96 13.19 -11.67
N LEU A 89 -8.10 14.52 -11.69
CA LEU A 89 -7.20 15.36 -10.92
C LEU A 89 -7.47 15.24 -9.42
N SER A 90 -8.71 14.94 -9.04
CA SER A 90 -8.99 14.69 -7.62
C SER A 90 -8.48 13.33 -7.19
N THR A 91 -8.44 12.37 -8.12
CA THR A 91 -7.80 11.09 -7.84
C THR A 91 -6.30 11.26 -7.68
N ALA A 92 -5.70 12.13 -8.50
CA ALA A 92 -4.27 12.40 -8.39
C ALA A 92 -3.92 13.19 -7.14
N LEU A 93 -4.87 13.94 -6.58
CA LEU A 93 -4.63 14.71 -5.36
C LEU A 93 -4.99 13.93 -4.11
N CYS A 94 -5.54 12.73 -4.24
CA CYS A 94 -5.89 11.88 -3.11
C CYS A 94 -4.88 10.73 -3.07
N SER A 95 -3.76 10.97 -2.41
CA SER A 95 -2.70 9.99 -2.27
C SER A 95 -2.75 9.40 -0.86
N ALA A 96 -1.76 8.58 -0.52
CA ALA A 96 -1.76 7.91 0.77
C ALA A 96 -1.48 8.89 1.91
N LEU A 97 -0.73 9.96 1.63
CA LEU A 97 -0.50 10.97 2.64
C LEU A 97 -1.65 11.96 2.72
N GLU A 98 -2.49 12.01 1.70
CA GLU A 98 -3.62 12.92 1.70
C GLU A 98 -4.73 12.41 2.61
N ILE A 99 -5.00 11.10 2.56
CA ILE A 99 -6.00 10.51 3.46
C ILE A 99 -5.48 10.47 4.89
N GLY A 100 -4.16 10.53 5.07
CA GLY A 100 -3.61 10.60 6.41
C GLY A 100 -3.85 11.95 7.08
N GLU A 101 -4.19 12.97 6.28
CA GLU A 101 -4.52 14.27 6.86
C GLU A 101 -6.01 14.38 7.11
N VAL A 102 -6.82 13.62 6.38
CA VAL A 102 -8.27 13.69 6.55
C VAL A 102 -8.69 12.91 7.80
N LEU A 103 -8.09 11.75 8.02
CA LEU A 103 -8.44 10.93 9.19
C LEU A 103 -7.95 11.57 10.48
N ARG A 104 -6.94 12.43 10.39
CA ARG A 104 -6.61 13.30 11.51
C ARG A 104 -7.68 14.36 11.70
N GLY A 105 -8.17 14.92 10.60
CA GLY A 105 -9.10 16.03 10.69
C GLY A 105 -10.47 15.63 11.18
N LEU A 106 -10.91 14.42 10.85
CA LEU A 106 -12.19 13.95 11.35
C LEU A 106 -12.11 13.51 12.80
N ALA A 107 -10.92 13.12 13.25
CA ALA A 107 -10.78 12.65 14.63
C ALA A 107 -10.75 13.81 15.61
N LEU A 108 -9.90 14.80 15.37
CA LEU A 108 -9.84 15.97 16.24
C LEU A 108 -11.02 16.90 16.06
N GLY A 109 -11.61 16.94 14.87
CA GLY A 109 -12.71 17.82 14.59
C GLY A 109 -12.34 19.15 13.97
N THR A 110 -11.14 19.27 13.40
CA THR A 110 -10.70 20.52 12.81
C THR A 110 -11.28 20.69 11.41
N GLU A 111 -10.79 21.71 10.70
CA GLU A 111 -11.31 22.05 9.38
C GLU A 111 -10.66 21.27 8.25
N SER A 112 -10.02 20.13 8.55
CA SER A 112 -9.55 19.25 7.50
C SER A 112 -10.63 18.25 7.08
N GLY A 113 -11.75 18.23 7.80
CA GLY A 113 -12.77 17.25 7.51
C GLY A 113 -13.94 17.82 6.74
N LEU A 114 -13.99 19.14 6.58
CA LEU A 114 -15.05 19.75 5.78
C LEU A 114 -14.87 19.44 4.31
N PHE A 115 -13.64 19.52 3.81
CA PHE A 115 -13.39 19.26 2.40
C PHE A 115 -12.05 18.56 2.22
N SER A 116 -12.03 17.64 1.25
CA SER A 116 -10.83 16.97 0.78
C SER A 116 -11.13 16.51 -0.65
N PRO A 117 -10.13 16.43 -1.53
CA PRO A 117 -10.40 15.94 -2.88
C PRO A 117 -10.67 14.44 -2.96
N CYS A 118 -10.53 13.71 -1.86
CA CYS A 118 -10.85 12.28 -1.86
C CYS A 118 -12.35 12.02 -1.96
N TYR A 119 -13.18 13.01 -1.63
CA TYR A 119 -14.63 12.81 -1.64
C TYR A 119 -15.20 12.80 -3.05
N LEU A 120 -14.48 13.33 -4.02
CA LEU A 120 -14.90 13.32 -5.41
C LEU A 120 -14.03 12.44 -6.29
N SER A 121 -13.06 11.74 -5.71
CA SER A 121 -12.12 10.96 -6.50
C SER A 121 -12.79 9.68 -6.99
N LEU A 122 -12.10 9.03 -7.93
CA LEU A 122 -12.55 7.75 -8.47
C LEU A 122 -11.79 6.57 -7.85
N ARG A 123 -11.44 6.68 -6.57
CA ARG A 123 -10.78 5.59 -5.85
C ARG A 123 -11.84 4.76 -5.17
N PHE A 124 -12.21 3.65 -5.79
CA PHE A 124 -13.21 2.75 -5.25
C PHE A 124 -12.63 1.69 -4.33
N ASP A 125 -11.30 1.56 -4.28
CA ASP A 125 -10.68 0.46 -3.54
C ASP A 125 -10.50 0.76 -2.06
N LEU A 126 -10.90 1.93 -1.59
CA LEU A 126 -10.73 2.27 -0.18
C LEU A 126 -11.76 1.53 0.66
N THR A 127 -11.29 0.67 1.56
CA THR A 127 -12.14 -0.11 2.43
C THR A 127 -11.85 0.24 3.88
N ARG A 128 -12.55 -0.43 4.79
CA ARG A 128 -12.36 -0.14 6.22
C ARG A 128 -11.03 -0.69 6.72
N ASP A 129 -10.61 -1.85 6.20
CA ASP A 129 -9.40 -2.49 6.71
C ASP A 129 -8.14 -1.76 6.27
N LYS A 130 -8.20 -1.00 5.18
CA LYS A 130 -7.04 -0.24 4.74
C LYS A 130 -6.93 1.08 5.50
N LEU A 131 -8.05 1.76 5.70
CA LEU A 131 -8.04 3.11 6.27
C LEU A 131 -7.67 3.11 7.75
N LEU A 132 -7.78 1.98 8.43
CA LEU A 132 -7.31 1.89 9.80
C LEU A 132 -5.79 1.89 9.90
N SER A 133 -5.10 1.58 8.79
CA SER A 133 -3.65 1.61 8.76
C SER A 133 -3.08 2.90 8.20
N MET A 134 -3.89 3.71 7.51
CA MET A 134 -3.44 4.95 6.91
C MET A 134 -3.55 6.15 7.85
N ALA A 135 -3.77 5.91 9.14
CA ALA A 135 -3.78 6.96 10.12
C ALA A 135 -2.38 7.53 10.29
N PRO A 136 -2.25 8.83 10.58
CA PRO A 136 -0.91 9.42 10.71
C PRO A 136 -0.21 8.98 11.98
N GLN A 137 1.11 8.87 11.89
CA GLN A 137 1.91 8.35 12.99
C GLN A 137 2.15 9.42 14.04
N GLU A 138 2.26 10.69 13.63
CA GLU A 138 2.64 11.75 14.55
C GLU A 138 1.48 12.11 15.47
N ALA A 139 0.31 12.34 14.90
CA ALA A 139 -0.88 12.56 15.72
C ALA A 139 -1.29 11.24 16.36
N THR A 140 -0.91 11.06 17.62
CA THR A 140 -1.20 9.84 18.35
C THR A 140 -2.68 9.80 18.70
N LEU A 141 -3.47 9.21 17.81
CA LEU A 141 -4.91 9.13 17.98
C LEU A 141 -5.28 7.84 18.69
N ASP A 142 -6.19 7.93 19.65
CA ASP A 142 -6.68 6.74 20.32
C ASP A 142 -7.60 5.93 19.41
N GLN A 143 -7.82 4.68 19.79
CA GLN A 143 -8.47 3.73 18.89
C GLN A 143 -9.98 3.98 18.80
N ALA A 144 -10.54 4.69 19.78
CA ALA A 144 -11.97 5.00 19.71
C ALA A 144 -12.25 6.10 18.70
N ALA A 145 -11.27 6.95 18.42
CA ALA A 145 -11.47 8.03 17.46
C ALA A 145 -11.10 7.61 16.05
N VAL A 146 -10.09 6.77 15.91
CA VAL A 146 -9.69 6.34 14.57
C VAL A 146 -10.69 5.33 14.01
N SER A 147 -11.49 4.70 14.87
CA SER A 147 -12.61 3.90 14.39
C SER A 147 -13.78 4.79 13.98
N ASN A 148 -13.89 5.97 14.61
CA ASN A 148 -14.94 6.90 14.23
C ASN A 148 -14.51 7.79 13.06
N ALA A 149 -13.21 7.95 12.87
CA ALA A 149 -12.73 8.74 11.75
C ALA A 149 -12.84 7.97 10.45
N VAL A 150 -12.64 6.65 10.50
CA VAL A 150 -12.79 5.83 9.30
C VAL A 150 -14.26 5.65 8.96
N ASP A 151 -15.12 5.52 9.99
CA ASP A 151 -16.55 5.39 9.75
C ASP A 151 -17.16 6.67 9.19
N GLY A 152 -16.60 7.82 9.57
CA GLY A 152 -17.08 9.07 9.01
C GLY A 152 -16.55 9.34 7.62
N PHE A 153 -15.29 8.95 7.37
CA PHE A 153 -14.70 9.12 6.04
C PHE A 153 -15.35 8.18 5.04
N LEU A 154 -15.76 6.99 5.47
CA LEU A 154 -16.38 6.04 4.57
C LEU A 154 -17.85 6.35 4.34
N GLY A 155 -18.45 7.17 5.20
CA GLY A 155 -19.82 7.60 4.97
C GLY A 155 -19.93 8.68 3.92
N ARG A 156 -19.00 9.63 3.92
CA ARG A 156 -18.96 10.64 2.87
C ARG A 156 -18.49 10.03 1.55
N LEU A 157 -17.60 9.04 1.62
CA LEU A 157 -17.16 8.29 0.43
C LEU A 157 -18.03 7.06 0.22
N SER A 158 -19.34 7.27 0.19
CA SER A 158 -20.27 6.20 -0.12
C SER A 158 -20.40 6.06 -1.63
N LEU A 159 -20.80 4.86 -2.06
CA LEU A 159 -20.86 4.57 -3.49
C LEU A 159 -22.25 4.80 -4.08
N GLU A 160 -23.30 4.69 -3.28
CA GLU A 160 -24.66 4.76 -3.81
C GLU A 160 -25.48 5.94 -3.30
N ARG A 161 -25.10 6.56 -2.19
CA ARG A 161 -25.92 7.58 -1.56
C ARG A 161 -25.80 8.89 -2.34
N GLU A 162 -26.94 9.35 -2.85
CA GLU A 162 -27.12 10.63 -3.55
C GLU A 162 -26.30 10.75 -4.84
N ASP A 163 -25.85 9.60 -5.38
CA ASP A 163 -25.30 9.49 -6.74
C ASP A 163 -24.07 10.36 -6.96
N ARG A 164 -23.29 10.58 -5.90
CA ARG A 164 -22.25 11.60 -5.89
C ARG A 164 -20.91 11.10 -6.40
N ASP A 165 -20.69 9.79 -6.48
CA ASP A 165 -19.36 9.29 -6.81
C ASP A 165 -19.21 8.88 -8.28
N ALA A 166 -20.25 8.33 -8.89
CA ALA A 166 -20.09 7.73 -10.21
C ALA A 166 -21.41 7.86 -10.99
N TRP A 167 -21.54 7.04 -12.04
CA TRP A 167 -22.66 6.84 -12.97
C TRP A 167 -22.78 7.95 -14.01
N HIS A 168 -21.98 9.02 -13.92
CA HIS A 168 -22.02 10.05 -14.96
C HIS A 168 -21.00 9.80 -16.06
N LEU A 169 -20.09 8.84 -15.88
CA LEU A 169 -19.12 8.55 -16.93
C LEU A 169 -19.79 7.74 -18.03
N PRO A 170 -19.39 7.94 -19.29
CA PRO A 170 -19.88 7.05 -20.35
C PRO A 170 -19.26 5.68 -20.29
N ALA A 171 -18.07 5.56 -19.69
CA ALA A 171 -17.42 4.26 -19.56
C ALA A 171 -17.90 3.48 -18.35
N TYR A 172 -18.75 4.08 -17.52
CA TYR A 172 -19.30 3.36 -16.37
C TYR A 172 -20.43 2.43 -16.79
N LYS A 173 -20.99 2.63 -17.98
CA LYS A 173 -22.00 1.73 -18.52
C LYS A 173 -21.39 0.41 -18.99
N CYS A 174 -20.08 0.36 -19.20
CA CYS A 174 -19.43 -0.86 -19.68
C CYS A 174 -19.39 -1.93 -18.59
N VAL A 175 -18.92 -1.58 -17.39
CA VAL A 175 -18.58 -2.57 -16.39
C VAL A 175 -19.84 -3.19 -15.79
N ASP A 176 -19.82 -4.52 -15.65
CA ASP A 176 -20.96 -5.27 -15.15
C ASP A 176 -20.87 -5.55 -13.65
N ARG A 177 -19.70 -5.94 -13.16
CA ARG A 177 -19.50 -6.18 -11.73
C ARG A 177 -18.98 -4.89 -11.11
N LEU A 178 -19.91 -4.10 -10.55
CA LEU A 178 -19.56 -2.80 -9.98
C LEU A 178 -18.90 -2.92 -8.61
N ASP A 179 -18.93 -4.09 -7.99
CA ASP A 179 -18.33 -4.27 -6.67
C ASP A 179 -16.84 -4.48 -6.73
N LYS A 180 -16.31 -4.94 -7.87
CA LYS A 180 -14.91 -5.33 -7.98
C LYS A 180 -14.10 -4.36 -8.84
N VAL A 181 -14.53 -3.11 -8.92
CA VAL A 181 -13.77 -2.07 -9.59
C VAL A 181 -12.89 -1.39 -8.56
N LEU A 182 -11.60 -1.26 -8.86
CA LEU A 182 -10.68 -0.59 -7.95
C LEU A 182 -10.60 0.90 -8.21
N MET A 183 -10.39 1.29 -9.47
CA MET A 183 -10.17 2.67 -9.83
C MET A 183 -10.46 2.82 -11.31
N ILE A 184 -10.98 3.98 -11.69
CA ILE A 184 -11.22 4.31 -13.10
C ILE A 184 -10.37 5.53 -13.43
N ILE A 185 -9.64 5.44 -14.54
CA ILE A 185 -8.73 6.49 -14.96
C ILE A 185 -9.21 7.08 -16.29
N PRO A 186 -9.97 8.17 -16.28
CA PRO A 186 -10.44 8.77 -17.54
C PRO A 186 -9.43 9.71 -18.20
N LEU A 187 -8.52 9.14 -18.97
CA LEU A 187 -7.60 9.92 -19.78
C LEU A 187 -8.33 10.50 -20.99
N ILE A 188 -7.60 11.19 -21.85
CA ILE A 188 -8.17 11.74 -23.07
C ILE A 188 -8.27 10.62 -24.09
N ASN A 189 -9.49 10.36 -24.57
CA ASN A 189 -9.86 9.37 -25.59
C ASN A 189 -9.70 7.91 -25.14
N VAL A 190 -9.22 7.66 -23.92
CA VAL A 190 -9.11 6.30 -23.38
C VAL A 190 -9.52 6.38 -21.92
N THR A 191 -10.29 5.40 -21.45
CA THR A 191 -10.70 5.37 -20.04
C THR A 191 -10.41 3.98 -19.48
N PHE A 192 -9.37 3.87 -18.66
CA PHE A 192 -8.94 2.60 -18.11
C PHE A 192 -9.83 2.20 -16.94
N ILE A 193 -10.47 1.04 -17.04
CA ILE A 193 -11.25 0.48 -15.94
C ILE A 193 -10.37 -0.55 -15.26
N ILE A 194 -9.75 -0.17 -14.14
CA ILE A 194 -8.87 -1.05 -13.39
C ILE A 194 -9.70 -1.82 -12.39
N SER A 195 -9.84 -3.13 -12.60
CA SER A 195 -10.73 -3.94 -11.80
C SER A 195 -10.01 -5.19 -11.37
N SER A 196 -10.68 -6.00 -10.56
CA SER A 196 -10.16 -7.28 -10.09
C SER A 196 -10.94 -8.46 -10.67
N ASP A 197 -11.63 -8.26 -11.78
CA ASP A 197 -12.40 -9.30 -12.42
C ASP A 197 -12.43 -9.06 -13.93
N ARG A 198 -12.45 -10.14 -14.70
CA ARG A 198 -12.36 -10.03 -16.15
C ARG A 198 -13.67 -9.62 -16.81
N GLU A 199 -14.75 -9.51 -16.05
CA GLU A 199 -16.07 -9.19 -16.62
C GLU A 199 -16.23 -7.68 -16.76
N VAL A 200 -15.39 -7.10 -17.62
CA VAL A 200 -15.45 -5.68 -17.96
C VAL A 200 -15.44 -5.61 -19.48
N ARG A 201 -16.55 -5.16 -20.07
CA ARG A 201 -16.64 -5.06 -21.52
C ARG A 201 -15.82 -3.87 -22.00
N GLY A 202 -14.65 -4.13 -22.56
CA GLY A 202 -13.78 -3.06 -23.00
C GLY A 202 -13.23 -3.32 -24.40
N SER A 203 -12.06 -2.77 -24.69
CA SER A 203 -11.42 -2.98 -25.98
C SER A 203 -10.29 -3.99 -25.92
N ALA A 204 -9.59 -4.09 -24.79
CA ALA A 204 -8.53 -5.05 -24.61
C ALA A 204 -8.44 -5.38 -23.13
N LEU A 205 -7.49 -6.24 -22.78
CA LEU A 205 -7.30 -6.66 -21.40
C LEU A 205 -5.82 -6.60 -21.06
N TYR A 206 -5.51 -6.35 -19.80
CA TYR A 206 -4.12 -6.32 -19.35
C TYR A 206 -4.07 -6.88 -17.94
N GLU A 207 -3.61 -8.11 -17.80
CA GLU A 207 -3.43 -8.72 -16.49
C GLU A 207 -2.01 -8.42 -16.02
N ALA A 208 -1.89 -7.97 -14.78
CA ALA A 208 -0.60 -7.57 -14.26
C ALA A 208 0.29 -8.79 -14.01
N SER A 209 1.60 -8.53 -14.00
CA SER A 209 2.60 -9.58 -13.90
C SER A 209 2.64 -10.24 -12.54
N THR A 210 2.08 -9.61 -11.52
CA THR A 210 2.03 -10.17 -10.17
C THR A 210 0.62 -10.03 -9.63
N THR A 211 0.43 -10.44 -8.38
CA THR A 211 -0.89 -10.41 -7.80
C THR A 211 -1.14 -9.09 -7.07
N TYR A 212 -2.41 -8.80 -6.86
CA TYR A 212 -2.88 -7.74 -5.98
C TYR A 212 -3.07 -8.36 -4.59
N LEU A 213 -3.87 -7.72 -3.73
CA LEU A 213 -4.19 -8.23 -2.40
C LEU A 213 -4.68 -9.68 -2.40
N SER A 214 -5.84 -9.94 -2.99
CA SER A 214 -6.38 -11.29 -3.01
C SER A 214 -6.32 -11.93 -4.38
N SER A 215 -6.90 -11.29 -5.40
CA SER A 215 -6.82 -11.77 -6.77
C SER A 215 -6.14 -10.71 -7.63
N SER A 216 -5.58 -11.15 -8.74
CA SER A 216 -4.80 -10.26 -9.60
C SER A 216 -5.69 -9.24 -10.28
N LEU A 217 -5.11 -8.08 -10.57
CA LEU A 217 -5.86 -6.95 -11.09
C LEU A 217 -5.74 -6.90 -12.61
N PHE A 218 -6.81 -6.45 -13.26
CA PHE A 218 -6.90 -6.36 -14.70
C PHE A 218 -7.17 -4.92 -15.09
N LEU A 219 -6.49 -4.43 -16.11
CA LEU A 219 -6.64 -3.05 -16.59
C LEU A 219 -7.29 -3.10 -17.96
N SER A 220 -8.58 -2.78 -18.04
CA SER A 220 -9.30 -2.90 -19.30
C SER A 220 -9.51 -1.52 -19.91
N PRO A 221 -8.83 -1.17 -20.99
CA PRO A 221 -9.08 0.13 -21.62
C PRO A 221 -10.38 0.13 -22.39
N VAL A 222 -11.02 1.29 -22.43
CA VAL A 222 -12.25 1.51 -23.21
C VAL A 222 -11.93 2.62 -24.19
N ILE A 223 -11.50 2.26 -25.39
CA ILE A 223 -10.97 3.23 -26.35
C ILE A 223 -12.11 4.03 -26.95
N MET A 224 -12.01 5.36 -26.83
CA MET A 224 -12.97 6.35 -27.34
C MET A 224 -14.37 6.17 -26.75
N ASN A 225 -14.42 5.65 -25.53
CA ASN A 225 -15.64 5.57 -24.70
C ASN A 225 -16.77 4.81 -25.40
N LYS A 226 -16.49 3.54 -25.71
CA LYS A 226 -17.46 2.70 -26.37
C LYS A 226 -17.23 1.27 -25.91
N CYS A 227 -18.28 0.66 -25.36
CA CYS A 227 -18.19 -0.71 -24.86
C CYS A 227 -18.12 -1.69 -26.03
N SER A 228 -17.88 -2.96 -25.69
CA SER A 228 -17.94 -4.04 -26.66
C SER A 228 -19.25 -4.78 -26.49
N GLN A 229 -19.50 -5.73 -27.41
CA GLN A 229 -20.69 -6.55 -27.29
C GLN A 229 -20.54 -7.61 -26.21
N GLY A 230 -19.31 -7.94 -25.84
CA GLY A 230 -19.05 -8.89 -24.78
C GLY A 230 -17.65 -8.71 -24.25
N ALA A 231 -17.38 -9.39 -23.13
CA ALA A 231 -16.05 -9.36 -22.54
C ALA A 231 -15.05 -10.07 -23.44
N VAL A 232 -13.78 -9.68 -23.30
CA VAL A 232 -12.73 -10.23 -24.17
C VAL A 232 -12.42 -11.66 -23.77
N ALA A 233 -12.50 -12.57 -24.74
CA ALA A 233 -12.29 -13.99 -24.51
C ALA A 233 -10.89 -14.39 -24.98
N GLY A 234 -10.22 -15.19 -24.17
CA GLY A 234 -8.90 -15.67 -24.53
C GLY A 234 -7.86 -15.36 -23.47
N GLU A 235 -6.65 -15.17 -23.88
CA GLU A 235 -5.66 -14.85 -22.88
C GLU A 235 -5.60 -13.34 -22.66
N PRO A 236 -5.24 -12.90 -21.45
CA PRO A 236 -5.03 -11.47 -21.22
C PRO A 236 -3.62 -11.06 -21.64
N ARG A 237 -3.51 -9.90 -22.26
CA ARG A 237 -2.22 -9.44 -22.75
C ARG A 237 -1.32 -9.03 -21.60
N GLN A 238 -0.02 -9.24 -21.76
CA GLN A 238 0.96 -8.95 -20.73
C GLN A 238 1.36 -7.48 -20.76
N ILE A 239 1.78 -6.98 -19.60
CA ILE A 239 2.27 -5.61 -19.47
C ILE A 239 3.77 -5.63 -19.78
N PRO A 240 4.22 -5.01 -20.88
CA PRO A 240 5.64 -5.06 -21.24
C PRO A 240 6.47 -4.20 -20.30
N LYS A 241 7.44 -4.83 -19.62
CA LYS A 241 8.32 -4.10 -18.73
C LYS A 241 9.32 -3.26 -19.52
N ILE A 242 9.73 -2.14 -18.92
CA ILE A 242 10.69 -1.23 -19.52
C ILE A 242 11.92 -1.22 -18.61
N GLN A 243 13.00 -1.84 -19.07
CA GLN A 243 14.20 -1.97 -18.25
C GLN A 243 15.15 -0.79 -18.40
N ASN A 244 15.34 -0.28 -19.61
CA ASN A 244 16.26 0.82 -19.87
C ASN A 244 15.45 2.09 -20.11
N PHE A 245 15.85 3.16 -19.44
CA PHE A 245 15.12 4.42 -19.48
C PHE A 245 16.01 5.55 -19.00
N THR A 246 15.81 6.74 -19.56
CA THR A 246 16.59 7.92 -19.21
C THR A 246 15.80 8.81 -18.26
N ARG A 247 16.47 9.34 -17.24
CA ARG A 247 15.81 10.13 -16.22
C ARG A 247 15.67 11.61 -16.60
N THR A 248 16.65 12.17 -17.31
CA THR A 248 16.63 13.58 -17.67
C THR A 248 16.01 13.72 -19.05
N GLN A 249 14.69 13.88 -19.10
CA GLN A 249 13.95 14.01 -20.34
C GLN A 249 13.70 15.48 -20.62
N LYS A 250 14.37 16.02 -21.64
CA LYS A 250 14.31 17.45 -21.90
C LYS A 250 12.99 17.85 -22.53
N SER A 251 12.44 17.03 -23.41
CA SER A 251 11.19 17.34 -24.10
C SER A 251 10.01 16.95 -23.21
N CYS A 252 8.81 17.08 -23.75
CA CYS A 252 7.60 16.67 -23.02
C CYS A 252 7.16 15.31 -23.55
N ILE A 253 7.85 14.28 -23.11
CA ILE A 253 7.31 12.95 -23.11
C ILE A 253 6.47 12.83 -21.84
N PHE A 254 5.66 11.77 -21.76
CA PHE A 254 4.86 11.37 -20.61
C PHE A 254 3.72 12.32 -20.25
N CYS A 255 3.62 13.47 -20.89
CA CYS A 255 2.66 14.49 -20.49
C CYS A 255 1.36 14.25 -21.23
N GLY A 256 0.31 13.95 -20.47
CA GLY A 256 -0.93 13.37 -20.97
C GLY A 256 -1.22 12.00 -20.39
N PHE A 257 -0.18 11.26 -20.02
CA PHE A 257 -0.30 9.86 -19.60
C PHE A 257 -0.73 9.80 -18.14
N ALA A 258 -0.62 8.62 -17.54
CA ALA A 258 -0.80 8.44 -16.10
C ALA A 258 0.27 7.49 -15.60
N LEU A 259 0.58 7.60 -14.32
CA LEU A 259 1.69 6.86 -13.72
C LEU A 259 1.29 6.25 -12.39
N LEU A 260 0.19 5.49 -12.41
CA LEU A 260 -0.29 4.78 -11.23
C LEU A 260 0.76 3.82 -10.66
N SER A 261 0.82 3.75 -9.33
CA SER A 261 1.84 2.99 -8.62
C SER A 261 1.17 2.22 -7.49
N TYR A 262 1.09 0.91 -7.62
CA TYR A 262 0.44 0.09 -6.61
C TYR A 262 1.46 -0.73 -5.84
N ASP A 263 0.97 -1.42 -4.82
CA ASP A 263 1.77 -2.22 -3.91
C ASP A 263 1.02 -3.53 -3.67
N GLU A 264 1.75 -4.63 -3.60
CA GLU A 264 1.11 -5.94 -3.58
C GLU A 264 0.44 -6.22 -2.25
N LYS A 265 1.17 -5.99 -1.15
CA LYS A 265 0.64 -6.34 0.16
C LYS A 265 -0.24 -5.25 0.75
N GLU A 266 0.03 -3.98 0.44
CA GLU A 266 -0.73 -2.88 1.01
C GLU A 266 -1.78 -2.31 0.06
N GLY A 267 -1.96 -2.86 -1.12
CA GLY A 267 -2.93 -2.33 -2.07
C GLY A 267 -2.36 -1.16 -2.83
N LEU A 268 -3.24 -0.51 -3.59
CA LEU A 268 -2.83 0.64 -4.38
C LEU A 268 -2.59 1.83 -3.47
N GLU A 269 -1.53 2.60 -3.75
CA GLU A 269 -1.10 3.64 -2.84
C GLU A 269 -1.02 5.04 -3.43
N THR A 270 -0.80 5.19 -4.74
CA THR A 270 -0.62 6.52 -5.31
C THR A 270 -0.97 6.48 -6.80
N THR A 271 -1.90 7.34 -7.20
CA THR A 271 -2.17 7.61 -8.60
C THR A 271 -1.76 9.04 -8.89
N THR A 272 -1.00 9.25 -9.97
CA THR A 272 -0.59 10.59 -10.36
C THR A 272 -0.88 10.82 -11.83
N TYR A 273 -1.15 12.08 -12.17
CA TYR A 273 -1.46 12.52 -13.52
C TYR A 273 -0.37 13.46 -13.98
N ILE A 274 0.14 13.26 -15.18
CA ILE A 274 1.24 14.06 -15.70
C ILE A 274 0.63 15.10 -16.65
N THR A 275 0.30 16.26 -16.09
CA THR A 275 -0.40 17.27 -16.88
C THR A 275 0.55 18.08 -17.76
N SER A 276 1.69 18.51 -17.22
CA SER A 276 2.58 19.38 -17.98
C SER A 276 4.01 19.10 -17.58
N GLN A 277 4.91 20.02 -17.95
CA GLN A 277 6.34 19.80 -17.77
C GLN A 277 6.74 19.87 -16.31
N GLU A 278 6.04 20.69 -15.51
CA GLU A 278 6.43 20.88 -14.12
C GLU A 278 6.05 19.67 -13.27
N VAL A 279 5.08 18.87 -13.71
CA VAL A 279 4.72 17.66 -12.98
C VAL A 279 5.60 16.50 -13.42
N GLN A 280 6.01 16.47 -14.69
CA GLN A 280 6.88 15.41 -15.17
C GLN A 280 8.28 15.50 -14.58
N ASN A 281 8.81 16.72 -14.46
CA ASN A 281 10.14 16.88 -13.87
C ASN A 281 10.11 16.65 -12.36
N SER A 282 8.96 16.80 -11.73
CA SER A 282 8.84 16.55 -10.30
C SER A 282 8.59 15.09 -9.97
N ILE A 283 8.46 14.23 -10.98
CA ILE A 283 8.36 12.79 -10.78
C ILE A 283 9.70 12.11 -10.99
N LEU A 284 10.40 12.45 -12.08
CA LEU A 284 11.63 11.76 -12.43
C LEU A 284 12.79 12.18 -11.53
N SER A 285 12.85 13.46 -11.17
CA SER A 285 14.00 13.99 -10.46
C SER A 285 13.93 13.84 -8.95
N SER A 286 12.75 13.55 -8.40
CA SER A 286 12.63 13.40 -6.95
C SER A 286 12.91 11.95 -6.56
N ASN A 287 12.61 11.60 -5.32
CA ASN A 287 12.80 10.23 -4.83
C ASN A 287 11.55 9.37 -4.98
N TYR A 288 10.74 9.65 -6.00
CA TYR A 288 9.53 8.86 -6.24
C TYR A 288 9.88 7.46 -6.72
N PHE A 289 10.69 7.36 -7.77
CA PHE A 289 11.09 6.07 -8.32
C PHE A 289 12.10 5.42 -7.37
N ASP A 290 11.67 4.36 -6.69
CA ASP A 290 12.52 3.66 -5.72
C ASP A 290 12.41 2.17 -6.04
N PHE A 291 13.44 1.63 -6.67
CA PHE A 291 13.43 0.25 -7.12
C PHE A 291 14.07 -0.71 -6.12
N ASP A 292 14.50 -0.22 -4.96
CA ASP A 292 14.99 -1.11 -3.92
C ASP A 292 13.86 -1.67 -3.05
N ASN A 293 12.61 -1.28 -3.31
CA ASN A 293 11.48 -1.97 -2.72
C ASN A 293 11.34 -3.37 -3.30
N LEU A 294 10.48 -4.16 -2.66
CA LEU A 294 10.24 -5.52 -3.10
C LEU A 294 8.87 -5.72 -3.72
N HIS A 295 7.85 -4.98 -3.27
CA HIS A 295 6.48 -5.24 -3.68
C HIS A 295 5.82 -4.05 -4.36
N VAL A 296 6.56 -3.01 -4.73
CA VAL A 296 6.00 -1.82 -5.33
C VAL A 296 6.25 -1.85 -6.84
N HIS A 297 5.22 -1.54 -7.62
CA HIS A 297 5.29 -1.56 -9.07
C HIS A 297 4.69 -0.28 -9.63
N TYR A 298 5.29 0.22 -10.71
CA TYR A 298 4.88 1.47 -11.35
C TYR A 298 4.36 1.18 -12.74
N LEU A 299 3.09 1.50 -12.99
CA LEU A 299 2.46 1.27 -14.29
C LEU A 299 2.28 2.61 -14.98
N LEU A 300 2.55 2.64 -16.28
CA LEU A 300 2.35 3.81 -17.12
C LEU A 300 1.16 3.59 -18.04
N LEU A 301 0.06 4.29 -17.77
CA LEU A 301 -1.17 4.12 -18.56
C LEU A 301 -1.13 5.09 -19.72
N THR A 302 -0.74 4.60 -20.89
CA THR A 302 -0.65 5.41 -22.09
C THR A 302 -2.05 5.78 -22.58
N THR A 303 -2.17 6.97 -23.17
CA THR A 303 -3.42 7.36 -23.82
C THR A 303 -3.57 6.73 -25.20
N ASN A 304 -2.60 5.95 -25.65
CA ASN A 304 -2.76 5.22 -26.91
C ASN A 304 -3.65 4.00 -26.73
N GLY A 305 -3.80 3.52 -25.50
CA GLY A 305 -4.59 2.34 -25.24
C GLY A 305 -3.73 1.14 -24.88
N THR A 306 -2.63 1.39 -24.17
CA THR A 306 -1.75 0.31 -23.73
C THR A 306 -1.17 0.69 -22.38
N VAL A 307 -0.66 -0.32 -21.67
CA VAL A 307 -0.04 -0.13 -20.37
C VAL A 307 1.43 -0.53 -20.49
N MET A 308 2.28 0.17 -19.75
CA MET A 308 3.70 -0.18 -19.66
C MET A 308 4.11 -0.13 -18.20
N GLU A 309 5.12 -0.91 -17.84
CA GLU A 309 5.63 -0.94 -16.47
C GLU A 309 7.03 -0.38 -16.45
N ILE A 310 7.28 0.58 -15.57
CA ILE A 310 8.61 1.15 -15.39
C ILE A 310 9.37 0.26 -14.41
N ALA A 311 10.50 -0.27 -14.86
CA ALA A 311 11.26 -1.20 -14.02
C ALA A 311 12.76 -0.94 -14.04
N GLY A 312 13.19 0.28 -14.37
CA GLY A 312 14.60 0.56 -14.37
C GLY A 312 14.97 1.94 -14.84
N LEU A 313 16.04 2.50 -14.27
CA LEU A 313 16.58 3.78 -14.69
C LEU A 313 18.10 3.67 -14.70
N TYR A 314 18.74 4.55 -15.47
CA TYR A 314 20.19 4.57 -15.56
C TYR A 314 20.82 5.10 -14.27
N GLU B 1 -8.68 -21.64 17.35
CA GLU B 1 -8.00 -20.40 16.98
C GLU B 1 -7.30 -20.57 15.65
N VAL B 2 -6.17 -19.90 15.48
CA VAL B 2 -5.43 -19.97 14.21
C VAL B 2 -4.54 -21.21 14.17
N LYS B 3 -3.55 -21.31 15.06
CA LYS B 3 -2.79 -22.53 15.37
C LYS B 3 -2.09 -23.11 14.13
N LEU B 4 -1.11 -22.36 13.63
CA LEU B 4 -0.24 -22.89 12.60
C LEU B 4 0.64 -23.98 13.21
N LEU B 5 0.77 -25.11 12.51
CA LEU B 5 1.48 -26.26 13.05
C LEU B 5 2.26 -26.93 11.94
N GLU B 6 3.55 -27.15 12.16
CA GLU B 6 4.39 -27.83 11.20
C GLU B 6 4.64 -29.28 11.62
N SER B 7 5.21 -30.04 10.70
CA SER B 7 5.56 -31.43 10.93
C SER B 7 6.57 -31.85 9.87
N GLY B 8 7.45 -32.77 10.23
CA GLY B 8 8.39 -33.31 9.27
C GLY B 8 9.84 -33.09 9.63
N GLY B 9 10.12 -32.93 10.92
CA GLY B 9 11.49 -32.80 11.39
C GLY B 9 12.07 -34.15 11.79
N GLY B 10 13.27 -34.09 12.33
CA GLY B 10 13.92 -35.29 12.82
C GLY B 10 15.41 -35.23 12.56
N LEU B 11 15.98 -36.38 12.23
CA LEU B 11 17.40 -36.52 11.94
C LEU B 11 17.59 -37.00 10.52
N VAL B 12 18.27 -36.18 9.70
CA VAL B 12 18.43 -36.44 8.28
C VAL B 12 19.91 -36.63 7.98
N GLN B 13 20.20 -37.50 7.01
CA GLN B 13 21.56 -37.69 6.54
C GLN B 13 22.00 -36.48 5.70
N PRO B 14 23.27 -36.08 5.79
CA PRO B 14 23.71 -34.88 5.06
C PRO B 14 23.93 -35.17 3.59
N GLY B 15 23.42 -34.27 2.75
CA GLY B 15 23.53 -34.42 1.31
C GLY B 15 22.31 -35.05 0.68
N GLY B 16 21.13 -34.61 1.09
CA GLY B 16 19.90 -35.16 0.58
C GLY B 16 18.82 -34.12 0.37
N SER B 17 17.62 -34.38 0.88
CA SER B 17 16.49 -33.47 0.79
C SER B 17 15.48 -33.86 1.86
N LEU B 18 14.47 -33.02 2.04
CA LEU B 18 13.39 -33.22 2.99
C LEU B 18 12.27 -32.27 2.61
N LYS B 19 11.03 -32.73 2.77
CA LYS B 19 9.85 -31.92 2.47
C LYS B 19 9.12 -31.63 3.79
N LEU B 20 9.45 -30.50 4.41
CA LEU B 20 8.72 -30.08 5.59
C LEU B 20 7.32 -29.63 5.21
N SER B 21 6.41 -29.71 6.15
CA SER B 21 5.01 -29.36 5.89
C SER B 21 4.55 -28.31 6.90
N CYS B 22 3.45 -27.65 6.55
CA CYS B 22 2.74 -26.77 7.46
C CYS B 22 1.28 -27.20 7.48
N ALA B 23 0.55 -26.79 8.51
CA ALA B 23 -0.86 -27.16 8.62
C ALA B 23 -1.58 -26.04 9.35
N ALA B 24 -2.66 -25.55 8.74
CA ALA B 24 -3.42 -24.45 9.30
C ALA B 24 -4.87 -24.85 9.51
N SER B 25 -5.55 -24.10 10.37
CA SER B 25 -6.95 -24.33 10.68
C SER B 25 -7.53 -23.02 11.19
N GLY B 26 -8.85 -22.97 11.34
CA GLY B 26 -9.52 -21.84 11.94
C GLY B 26 -9.59 -20.57 11.12
N PHE B 27 -8.82 -20.45 10.04
CA PHE B 27 -8.87 -19.30 9.16
C PHE B 27 -8.72 -19.79 7.73
N ASP B 28 -8.80 -18.87 6.78
CA ASP B 28 -8.75 -19.20 5.36
C ASP B 28 -7.28 -19.29 4.97
N PHE B 29 -6.83 -20.49 4.58
CA PHE B 29 -5.42 -20.65 4.23
C PHE B 29 -5.12 -20.04 2.87
N SER B 30 -6.11 -19.98 1.99
CA SER B 30 -5.95 -19.16 0.80
C SER B 30 -6.06 -17.69 1.17
N ARG B 31 -5.88 -16.83 0.16
CA ARG B 31 -5.76 -15.36 0.25
C ARG B 31 -4.86 -14.90 1.41
N TYR B 32 -3.71 -15.55 1.63
CA TYR B 32 -2.75 -15.13 2.66
C TYR B 32 -1.34 -15.47 2.22
N TRP B 33 -0.46 -14.47 2.22
CA TRP B 33 0.96 -14.68 1.97
C TRP B 33 1.61 -15.43 3.12
N MET B 34 1.98 -16.69 2.92
CA MET B 34 2.66 -17.45 3.95
C MET B 34 4.16 -17.46 3.69
N THR B 35 4.94 -17.42 4.77
CA THR B 35 6.40 -17.38 4.70
C THR B 35 6.99 -18.54 5.50
N TRP B 36 8.30 -18.67 5.41
CA TRP B 36 9.08 -19.61 6.21
C TRP B 36 10.24 -18.87 6.85
N VAL B 37 10.46 -19.11 8.15
CA VAL B 37 11.52 -18.46 8.91
C VAL B 37 12.18 -19.52 9.78
N ARG B 38 13.50 -19.64 9.70
CA ARG B 38 14.23 -20.61 10.49
C ARG B 38 15.12 -19.91 11.51
N GLN B 39 15.35 -20.58 12.64
CA GLN B 39 16.32 -20.14 13.62
C GLN B 39 17.64 -20.87 13.36
N ALA B 40 18.50 -20.88 14.35
CA ALA B 40 19.70 -21.70 14.40
C ALA B 40 19.76 -22.18 15.85
N PRO B 41 20.69 -23.07 16.25
CA PRO B 41 20.76 -23.39 17.68
C PRO B 41 21.32 -22.23 18.51
N GLY B 42 20.44 -21.54 19.22
CA GLY B 42 20.82 -20.42 20.07
C GLY B 42 21.42 -19.24 19.32
N GLN B 43 20.82 -18.86 18.20
CA GLN B 43 21.32 -17.76 17.38
C GLN B 43 20.15 -16.96 16.86
N GLY B 44 20.46 -15.91 16.09
CA GLY B 44 19.45 -15.02 15.60
C GLY B 44 18.65 -15.61 14.46
N LEU B 45 17.47 -15.04 14.25
CA LEU B 45 16.54 -15.57 13.25
C LEU B 45 17.02 -15.29 11.83
N GLU B 46 16.64 -16.18 10.92
CA GLU B 46 16.99 -16.04 9.51
C GLU B 46 15.73 -16.24 8.67
N TRP B 47 15.66 -15.52 7.56
CA TRP B 47 14.53 -15.58 6.66
C TRP B 47 14.85 -16.49 5.48
N ILE B 48 13.83 -17.19 4.97
CA ILE B 48 14.01 -18.17 3.90
C ILE B 48 13.26 -17.77 2.63
N GLY B 49 11.96 -17.56 2.72
CA GLY B 49 11.21 -17.15 1.55
C GLY B 49 9.73 -17.02 1.87
N GLU B 50 8.97 -16.73 0.82
CA GLU B 50 7.54 -16.49 0.95
C GLU B 50 6.85 -16.82 -0.36
N ILE B 51 5.52 -16.89 -0.31
CA ILE B 51 4.74 -17.28 -1.48
C ILE B 51 3.37 -16.61 -1.40
N ASN B 52 2.91 -16.04 -2.51
CA ASN B 52 1.64 -15.35 -2.60
C ASN B 52 0.50 -16.36 -2.62
N PRO B 53 -0.79 -15.91 -2.47
CA PRO B 53 -1.94 -16.84 -2.50
C PRO B 53 -2.06 -17.82 -3.65
N ASP B 54 -2.03 -17.34 -4.90
CA ASP B 54 -2.22 -18.23 -6.04
C ASP B 54 -0.90 -18.78 -6.59
N SER B 55 0.18 -18.73 -5.80
CA SER B 55 1.48 -19.33 -6.11
C SER B 55 2.08 -18.77 -7.40
N SER B 56 1.92 -17.45 -7.60
CA SER B 56 2.43 -16.81 -8.79
C SER B 56 3.81 -16.19 -8.62
N THR B 57 4.11 -15.64 -7.44
CA THR B 57 5.43 -15.12 -7.17
C THR B 57 5.97 -15.69 -5.86
N ILE B 58 7.27 -15.99 -5.86
CA ILE B 58 7.95 -16.63 -4.73
C ILE B 58 9.29 -15.95 -4.56
N ASN B 59 9.54 -15.37 -3.40
CA ASN B 59 10.82 -14.75 -3.10
C ASN B 59 11.69 -15.71 -2.31
N TYR B 60 12.99 -15.41 -2.24
CA TYR B 60 13.91 -16.23 -1.48
C TYR B 60 15.01 -15.36 -0.89
N THR B 61 15.65 -15.88 0.14
CA THR B 61 16.87 -15.28 0.63
C THR B 61 17.99 -15.52 -0.39
N PRO B 62 19.01 -14.63 -0.45
CA PRO B 62 20.14 -14.86 -1.34
C PRO B 62 20.91 -16.13 -1.01
N SER B 63 20.85 -17.09 -1.91
CA SER B 63 21.33 -18.44 -1.68
C SER B 63 21.62 -19.08 -3.04
N LEU B 64 21.69 -20.40 -3.07
CA LEU B 64 21.90 -21.15 -4.31
C LEU B 64 20.60 -21.18 -5.12
N LYS B 65 20.60 -21.94 -6.22
CA LYS B 65 19.46 -21.95 -7.13
C LYS B 65 18.28 -22.71 -6.53
N ASP B 66 18.45 -24.00 -6.28
CA ASP B 66 17.37 -24.85 -5.81
C ASP B 66 17.64 -25.39 -4.42
N LYS B 67 18.16 -24.54 -3.54
CA LYS B 67 18.30 -24.94 -2.14
C LYS B 67 16.94 -25.01 -1.46
N PHE B 68 16.04 -24.06 -1.75
CA PHE B 68 14.71 -24.04 -1.18
C PHE B 68 13.67 -24.04 -2.30
N ILE B 69 12.64 -24.87 -2.14
CA ILE B 69 11.50 -24.90 -3.05
C ILE B 69 10.26 -24.79 -2.19
N ILE B 70 9.64 -23.61 -2.16
CA ILE B 70 8.41 -23.39 -1.41
C ILE B 70 7.24 -23.56 -2.37
N SER B 71 6.28 -24.40 -1.99
CA SER B 71 5.11 -24.63 -2.82
C SER B 71 3.93 -24.99 -1.94
N ARG B 72 2.87 -24.20 -2.02
CA ARG B 72 1.68 -24.41 -1.22
C ARG B 72 0.64 -25.18 -2.00
N ASP B 73 -0.30 -25.78 -1.26
CA ASP B 73 -1.42 -26.50 -1.84
C ASP B 73 -2.66 -26.04 -1.09
N ASN B 74 -3.51 -25.24 -1.75
CA ASN B 74 -4.65 -24.64 -1.07
C ASN B 74 -5.76 -25.64 -0.78
N ALA B 75 -5.78 -26.77 -1.49
CA ALA B 75 -6.84 -27.76 -1.27
C ALA B 75 -6.60 -28.53 0.02
N LYS B 76 -5.36 -28.90 0.29
CA LYS B 76 -5.02 -29.63 1.51
C LYS B 76 -4.85 -28.73 2.72
N ASN B 77 -4.90 -27.40 2.52
CA ASN B 77 -4.63 -26.37 3.54
C ASN B 77 -3.27 -26.58 4.18
N THR B 78 -2.27 -26.83 3.34
CA THR B 78 -0.91 -27.10 3.79
C THR B 78 0.05 -26.21 3.02
N LEU B 79 1.27 -26.08 3.56
CA LEU B 79 2.33 -25.31 2.92
C LEU B 79 3.62 -26.10 3.05
N TYR B 80 4.28 -26.35 1.93
CA TYR B 80 5.45 -27.22 1.90
C TYR B 80 6.71 -26.42 1.66
N LEU B 81 7.77 -26.78 2.39
CA LEU B 81 9.10 -26.25 2.16
C LEU B 81 10.04 -27.43 1.94
N GLN B 82 10.84 -27.37 0.89
CA GLN B 82 11.69 -28.47 0.50
C GLN B 82 13.14 -28.00 0.49
N VAL B 83 13.87 -28.30 1.54
CA VAL B 83 15.29 -27.96 1.63
C VAL B 83 16.11 -29.04 0.92
N SER B 84 16.89 -28.62 -0.07
CA SER B 84 17.70 -29.54 -0.85
C SER B 84 19.17 -29.30 -0.59
N LYS B 85 19.96 -30.38 -0.75
CA LYS B 85 21.42 -30.40 -0.59
C LYS B 85 21.82 -29.90 0.80
N LEU B 86 21.44 -30.69 1.80
CA LEU B 86 21.65 -30.30 3.19
C LEU B 86 23.13 -30.29 3.55
N ARG B 87 23.61 -29.12 3.96
CA ARG B 87 24.96 -28.96 4.46
C ARG B 87 24.99 -29.31 5.93
N SER B 88 26.19 -29.29 6.52
CA SER B 88 26.32 -29.62 7.93
C SER B 88 25.83 -28.51 8.84
N GLU B 89 25.55 -27.32 8.31
CA GLU B 89 24.94 -26.23 9.08
C GLU B 89 23.57 -25.92 8.48
N ASP B 90 22.60 -26.74 8.86
CA ASP B 90 21.20 -26.48 8.59
C ASP B 90 20.33 -26.94 9.76
N THR B 91 20.94 -27.35 10.87
CA THR B 91 20.19 -27.70 12.05
C THR B 91 19.52 -26.46 12.60
N ALA B 92 18.21 -26.54 12.81
CA ALA B 92 17.41 -25.35 13.05
C ALA B 92 16.05 -25.76 13.57
N LEU B 93 15.24 -24.77 13.90
CA LEU B 93 13.79 -24.89 13.90
C LEU B 93 13.28 -24.27 12.62
N TYR B 94 12.00 -24.46 12.33
CA TYR B 94 11.42 -23.93 11.10
C TYR B 94 10.01 -23.45 11.42
N TYR B 95 9.78 -22.15 11.31
CA TYR B 95 8.50 -21.55 11.68
C TYR B 95 7.68 -21.24 10.45
N CYS B 96 6.37 -21.50 10.53
CA CYS B 96 5.43 -21.24 9.44
C CYS B 96 4.64 -20.01 9.84
N ALA B 97 5.07 -18.84 9.36
CA ALA B 97 4.54 -17.56 9.81
C ALA B 97 3.67 -16.93 8.74
N ARG B 98 2.47 -16.52 9.13
CA ARG B 98 1.55 -15.87 8.22
C ARG B 98 1.77 -14.37 8.23
N SER B 99 1.80 -13.77 7.04
CA SER B 99 2.01 -12.33 6.90
C SER B 99 0.76 -11.69 6.34
N PRO B 100 0.01 -10.92 7.14
CA PRO B 100 -1.23 -10.32 6.65
C PRO B 100 -0.98 -9.15 5.71
N TYR B 101 -2.07 -8.56 5.21
CA TYR B 101 -1.96 -7.60 4.12
C TYR B 101 -1.62 -6.20 4.61
N TYR B 102 -2.51 -5.60 5.38
CA TYR B 102 -2.33 -4.21 5.79
C TYR B 102 -1.44 -4.05 7.00
N TYR B 103 -0.74 -5.11 7.42
CA TYR B 103 0.37 -4.96 8.33
C TYR B 103 1.60 -4.49 7.56
N GLY B 104 2.68 -4.23 8.28
CA GLY B 104 3.88 -3.74 7.63
C GLY B 104 4.76 -4.83 7.05
N SER B 105 4.14 -5.77 6.34
CA SER B 105 4.75 -7.02 5.86
C SER B 105 5.44 -7.77 6.99
N SER B 106 4.76 -7.83 8.13
CA SER B 106 5.24 -8.52 9.33
C SER B 106 4.41 -9.77 9.55
N TYR B 107 4.82 -10.56 10.54
CA TYR B 107 4.35 -11.93 10.69
C TYR B 107 3.48 -12.03 11.94
N ASP B 108 2.18 -12.23 11.75
CA ASP B 108 1.23 -12.18 12.84
C ASP B 108 1.32 -13.44 13.70
N VAL B 109 1.03 -14.59 13.12
CA VAL B 109 0.92 -15.85 13.85
C VAL B 109 2.05 -16.77 13.44
N TRP B 110 2.72 -17.34 14.44
CA TRP B 110 3.89 -18.19 14.24
C TRP B 110 3.56 -19.60 14.70
N GLY B 111 4.14 -20.58 14.02
CA GLY B 111 3.88 -21.97 14.35
C GLY B 111 4.73 -22.44 15.51
N ALA B 112 4.75 -23.77 15.67
CA ALA B 112 5.43 -24.37 16.81
C ALA B 112 6.94 -24.48 16.58
N GLY B 113 7.34 -25.21 15.53
CA GLY B 113 8.74 -25.46 15.28
C GLY B 113 9.01 -26.94 15.07
N THR B 114 9.87 -27.27 14.11
CA THR B 114 10.30 -28.64 13.86
C THR B 114 11.81 -28.70 13.88
N ALA B 115 12.37 -29.47 14.80
CA ALA B 115 13.81 -29.58 14.91
C ALA B 115 14.36 -30.44 13.79
N VAL B 116 15.12 -29.81 12.90
CA VAL B 116 15.87 -30.52 11.87
C VAL B 116 17.29 -30.68 12.38
N THR B 117 17.85 -31.88 12.23
CA THR B 117 19.24 -32.13 12.57
C THR B 117 19.91 -32.90 11.44
N VAL B 118 21.13 -32.51 11.11
CA VAL B 118 21.93 -33.17 10.08
C VAL B 118 23.28 -33.57 10.67
N SER B 119 23.52 -34.87 10.78
CA SER B 119 24.75 -35.42 11.37
C SER B 119 24.83 -36.90 11.00
N SER B 120 25.76 -37.60 11.64
CA SER B 120 25.94 -39.02 11.44
C SER B 120 24.81 -39.84 12.08
N ASP C 1 20.59 -6.78 0.45
CA ASP C 1 21.79 -6.81 1.26
C ASP C 1 21.70 -5.83 2.41
N ILE C 2 20.47 -5.53 2.83
CA ILE C 2 20.25 -4.65 3.98
C ILE C 2 20.65 -5.42 5.24
N VAL C 3 21.63 -4.90 5.97
CA VAL C 3 22.14 -5.56 7.17
C VAL C 3 21.78 -4.70 8.37
N MET C 4 21.13 -5.33 9.36
CA MET C 4 20.68 -4.62 10.54
C MET C 4 21.66 -4.81 11.69
N SER C 5 21.80 -3.78 12.52
CA SER C 5 22.61 -3.85 13.71
C SER C 5 21.74 -3.57 14.94
N GLN C 6 22.20 -4.03 16.09
CA GLN C 6 21.52 -3.76 17.35
C GLN C 6 22.56 -3.59 18.44
N SER C 7 22.29 -2.69 19.38
CA SER C 7 23.16 -2.46 20.52
C SER C 7 22.31 -2.05 21.70
N PRO C 8 22.64 -2.50 22.93
CA PRO C 8 23.72 -3.41 23.29
C PRO C 8 23.25 -4.86 23.22
N SER C 9 24.14 -5.81 23.45
CA SER C 9 23.76 -7.23 23.36
C SER C 9 23.09 -7.70 24.64
N SER C 10 23.75 -7.53 25.77
CA SER C 10 23.25 -8.03 27.06
C SER C 10 22.87 -6.84 27.94
N LEU C 11 21.62 -6.42 27.83
CA LEU C 11 21.09 -5.29 28.60
C LEU C 11 20.44 -5.84 29.86
N ALA C 12 21.02 -5.53 31.01
CA ALA C 12 20.51 -5.99 32.30
C ALA C 12 19.65 -4.91 32.93
N VAL C 13 18.49 -5.30 33.44
CA VAL C 13 17.54 -4.36 34.02
C VAL C 13 17.33 -4.70 35.48
N SER C 14 16.65 -3.81 36.17
CA SER C 14 16.05 -4.08 37.47
C SER C 14 14.55 -3.86 37.31
N ALA C 15 13.76 -4.47 38.19
CA ALA C 15 12.32 -4.54 37.96
C ALA C 15 11.64 -3.19 38.15
N GLY C 16 11.54 -2.41 37.07
CA GLY C 16 10.84 -1.16 37.07
C GLY C 16 11.49 -0.02 36.31
N GLU C 17 12.74 -0.15 35.89
CA GLU C 17 13.46 0.96 35.27
C GLU C 17 13.26 0.96 33.77
N LYS C 18 13.07 2.16 33.21
CA LYS C 18 12.89 2.31 31.77
C LYS C 18 14.18 2.02 31.02
N VAL C 19 14.08 1.21 29.97
CA VAL C 19 15.25 0.81 29.17
C VAL C 19 14.91 0.86 27.70
N THR C 20 15.94 1.11 26.89
CA THR C 20 15.82 1.24 25.44
C THR C 20 16.77 0.26 24.78
N MET C 21 16.58 0.06 23.47
CA MET C 21 17.52 -0.69 22.66
C MET C 21 17.45 -0.17 21.23
N ASN C 22 18.62 0.03 20.61
CA ASN C 22 18.68 0.62 19.28
C ASN C 22 18.72 -0.46 18.22
N CYS C 23 18.11 -0.18 17.08
CA CYS C 23 18.19 -1.04 15.90
C CYS C 23 18.57 -0.13 14.72
N LYS C 24 19.86 0.12 14.56
CA LYS C 24 20.34 1.03 13.54
C LYS C 24 20.53 0.25 12.23
N SER C 25 19.81 0.66 11.19
CA SER C 25 19.89 -0.01 9.91
C SER C 25 21.12 0.42 9.15
N SER C 26 21.26 -0.04 7.91
CA SER C 26 22.32 0.38 7.02
C SER C 26 21.81 1.26 5.89
N GLN C 27 20.63 0.97 5.37
CA GLN C 27 19.98 1.73 4.32
C GLN C 27 18.70 2.32 4.90
N SER C 28 18.19 3.37 4.26
CA SER C 28 16.96 4.00 4.72
C SER C 28 15.76 3.13 4.37
N LEU C 29 14.91 2.89 5.36
CA LEU C 29 13.73 2.04 5.22
C LEU C 29 12.46 2.85 5.06
N LEU C 30 12.55 4.02 4.45
CA LEU C 30 11.43 4.95 4.37
C LEU C 30 10.79 4.87 2.99
N ASN C 31 9.52 4.47 2.95
CA ASN C 31 8.74 4.55 1.72
C ASN C 31 8.49 6.03 1.40
N SER C 32 8.91 6.47 0.22
CA SER C 32 9.00 7.90 -0.04
C SER C 32 7.66 8.52 -0.34
N ARG C 33 6.65 7.73 -0.70
CA ARG C 33 5.36 8.28 -1.10
C ARG C 33 4.24 7.95 -0.13
N THR C 34 4.52 7.25 0.96
CA THR C 34 3.52 7.09 2.01
C THR C 34 4.07 7.25 3.43
N ARG C 35 5.40 7.33 3.60
CA ARG C 35 6.09 7.62 4.86
C ARG C 35 5.73 6.58 5.94
N LYS C 36 6.14 5.35 5.69
CA LYS C 36 5.69 4.23 6.51
C LYS C 36 6.75 3.64 7.43
N ASN C 37 8.04 3.70 7.06
CA ASN C 37 9.17 3.22 7.87
C ASN C 37 9.04 1.73 8.20
N TYR C 38 9.20 0.90 7.15
CA TYR C 38 9.13 -0.55 7.25
C TYR C 38 10.03 -1.13 8.32
N LEU C 39 9.45 -1.68 9.38
CA LEU C 39 10.18 -2.30 10.49
C LEU C 39 9.17 -3.14 11.27
N ALA C 40 9.70 -4.03 12.10
CA ALA C 40 8.89 -4.84 12.99
C ALA C 40 9.77 -5.32 14.12
N TRP C 41 9.27 -5.23 15.35
CA TRP C 41 10.00 -5.65 16.54
C TRP C 41 9.39 -6.95 17.06
N TYR C 42 10.21 -7.98 17.20
CA TYR C 42 9.75 -9.29 17.65
C TYR C 42 10.37 -9.64 18.98
N GLN C 43 9.61 -10.34 19.82
CA GLN C 43 10.06 -10.81 21.12
C GLN C 43 9.94 -12.32 21.16
N GLN C 44 11.01 -13.00 21.55
CA GLN C 44 11.02 -14.44 21.67
C GLN C 44 11.36 -14.81 23.10
N LYS C 45 10.36 -15.30 23.84
CA LYS C 45 10.58 -15.86 25.16
C LYS C 45 11.41 -17.13 25.03
N PRO C 46 12.17 -17.49 26.08
CA PRO C 46 13.03 -18.69 25.96
C PRO C 46 12.23 -19.98 25.92
N GLY C 47 12.15 -20.58 24.73
CA GLY C 47 11.37 -21.78 24.54
C GLY C 47 9.98 -21.54 23.99
N GLN C 48 9.80 -20.49 23.19
CA GLN C 48 8.52 -20.23 22.54
C GLN C 48 8.76 -19.66 21.15
N SER C 49 7.69 -19.65 20.36
CA SER C 49 7.71 -18.97 19.08
C SER C 49 7.74 -17.45 19.31
N PRO C 50 8.24 -16.69 18.35
CA PRO C 50 8.26 -15.22 18.50
C PRO C 50 6.86 -14.63 18.48
N LYS C 51 6.79 -13.38 18.93
CA LYS C 51 5.55 -12.61 18.95
C LYS C 51 5.80 -11.31 18.23
N LEU C 52 4.74 -10.72 17.68
CA LEU C 52 4.85 -9.45 16.98
C LEU C 52 4.38 -8.34 17.92
N LEU C 53 5.30 -7.44 18.28
CA LEU C 53 4.96 -6.33 19.15
C LEU C 53 4.61 -5.08 18.36
N ILE C 54 5.58 -4.56 17.61
CA ILE C 54 5.43 -3.33 16.85
C ILE C 54 5.55 -3.68 15.37
N TYR C 55 4.77 -3.01 14.53
CA TYR C 55 4.99 -3.04 13.10
C TYR C 55 4.87 -1.63 12.57
N TRP C 56 5.55 -1.38 11.43
CA TRP C 56 5.76 -0.05 10.85
C TRP C 56 6.46 0.92 11.81
N ALA C 57 7.24 0.36 12.75
CA ALA C 57 8.13 1.01 13.70
C ALA C 57 7.43 1.81 14.80
N SER C 58 6.12 2.02 14.67
CA SER C 58 5.37 2.70 15.73
C SER C 58 4.03 2.06 16.06
N THR C 59 3.37 1.37 15.13
CA THR C 59 2.00 0.94 15.34
C THR C 59 2.01 -0.35 16.16
N ARG C 60 1.65 -0.23 17.43
CA ARG C 60 1.65 -1.39 18.32
C ARG C 60 0.48 -2.30 17.98
N GLU C 61 0.75 -3.61 17.94
CA GLU C 61 -0.29 -4.57 17.64
C GLU C 61 -1.21 -4.75 18.84
N SER C 62 -2.45 -5.17 18.57
CA SER C 62 -3.43 -5.36 19.63
C SER C 62 -3.06 -6.54 20.51
N GLY C 63 -3.34 -6.41 21.81
CA GLY C 63 -2.99 -7.43 22.77
C GLY C 63 -1.65 -7.21 23.43
N VAL C 64 -0.71 -6.61 22.72
CA VAL C 64 0.58 -6.20 23.32
C VAL C 64 0.30 -5.10 24.33
N PRO C 65 0.91 -5.15 25.54
CA PRO C 65 0.62 -4.13 26.57
C PRO C 65 1.05 -2.72 26.17
N ASP C 66 0.60 -1.73 26.94
CA ASP C 66 0.87 -0.33 26.63
C ASP C 66 2.24 0.13 27.11
N ARG C 67 3.08 -0.79 27.59
CA ARG C 67 4.42 -0.46 28.02
C ARG C 67 5.45 -0.53 26.88
N PHE C 68 5.06 -1.05 25.72
CA PHE C 68 5.97 -1.18 24.57
C PHE C 68 5.67 -0.04 23.61
N THR C 69 6.28 1.12 23.86
CA THR C 69 6.12 2.29 23.02
C THR C 69 7.41 2.48 22.22
N GLY C 70 7.47 1.85 21.05
CA GLY C 70 8.61 1.94 20.18
C GLY C 70 8.37 2.93 19.06
N SER C 71 9.43 3.64 18.69
CA SER C 71 9.35 4.67 17.65
C SER C 71 10.73 4.87 17.06
N GLY C 72 10.91 5.86 16.24
CA GLY C 72 12.18 6.16 15.65
C GLY C 72 11.83 6.20 14.22
N SER C 73 12.52 6.85 13.29
CA SER C 73 12.21 6.77 11.87
C SER C 73 13.49 6.91 11.03
N GLY C 74 13.45 6.55 9.79
CA GLY C 74 14.61 6.63 8.92
C GLY C 74 15.53 5.58 9.38
N THR C 75 16.79 5.65 9.14
CA THR C 75 17.58 4.62 9.65
C THR C 75 17.65 4.23 11.14
N ASP C 76 17.82 5.01 12.16
CA ASP C 76 17.83 4.51 13.53
C ASP C 76 16.55 4.33 14.23
N PHE C 77 16.25 3.26 14.94
CA PHE C 77 15.00 2.92 15.58
C PHE C 77 15.26 2.48 17.00
N THR C 78 14.32 2.77 17.90
CA THR C 78 14.42 2.39 19.30
C THR C 78 13.14 1.70 19.75
N LEU C 79 13.27 0.93 20.83
CA LEU C 79 12.12 0.34 21.50
C LEU C 79 12.24 0.61 22.99
N THR C 80 11.25 1.28 23.56
CA THR C 80 11.28 1.76 24.93
C THR C 80 10.24 1.03 25.75
N ILE C 81 10.69 0.16 26.64
CA ILE C 81 9.80 -0.49 27.61
C ILE C 81 9.68 0.44 28.81
N SER C 82 8.44 0.74 29.21
CA SER C 82 8.21 1.80 30.19
C SER C 82 8.65 1.39 31.58
N SER C 83 8.07 0.31 32.12
CA SER C 83 8.43 -0.20 33.43
C SER C 83 8.48 -1.72 33.31
N VAL C 84 9.70 -2.27 33.25
CA VAL C 84 9.87 -3.69 33.01
C VAL C 84 9.52 -4.48 34.27
N GLN C 85 9.17 -5.74 34.08
CA GLN C 85 8.82 -6.64 35.16
C GLN C 85 9.43 -8.00 34.89
N ALA C 86 9.12 -8.96 35.75
CA ALA C 86 9.68 -10.31 35.60
C ALA C 86 9.02 -11.09 34.47
N GLU C 87 7.97 -10.56 33.84
CA GLU C 87 7.31 -11.19 32.71
C GLU C 87 7.76 -10.58 31.38
N ASP C 88 9.04 -10.20 31.29
CA ASP C 88 9.56 -9.69 30.04
C ASP C 88 10.99 -10.15 29.74
N LEU C 89 11.49 -11.16 30.45
CA LEU C 89 12.83 -11.68 30.19
C LEU C 89 12.78 -12.48 28.89
N ALA C 90 13.24 -11.86 27.80
CA ALA C 90 13.15 -12.46 26.47
C ALA C 90 14.14 -11.76 25.56
N PHE C 91 14.42 -12.40 24.43
CA PHE C 91 15.18 -11.73 23.39
C PHE C 91 14.28 -10.71 22.68
N TYR C 92 14.91 -9.80 21.95
CA TYR C 92 14.16 -8.81 21.17
C TYR C 92 14.83 -8.64 19.83
N TYR C 93 14.12 -8.97 18.76
CA TYR C 93 14.64 -8.89 17.41
C TYR C 93 13.91 -7.81 16.63
N CYS C 94 14.64 -7.10 15.78
CA CYS C 94 14.04 -6.15 14.86
C CYS C 94 14.19 -6.67 13.44
N LYS C 95 13.12 -6.56 12.66
CA LYS C 95 13.12 -6.99 11.27
C LYS C 95 12.95 -5.76 10.38
N GLN C 96 13.22 -5.92 9.09
CA GLN C 96 12.93 -4.87 8.13
C GLN C 96 12.25 -5.51 6.93
N SER C 97 11.24 -4.86 6.38
CA SER C 97 10.50 -5.42 5.27
C SER C 97 10.66 -4.62 3.98
N TYR C 98 11.64 -3.72 3.94
CA TYR C 98 11.94 -2.93 2.76
C TYR C 98 12.40 -3.82 1.60
N ASN C 99 13.57 -4.42 1.76
CA ASN C 99 14.12 -5.37 0.81
C ASN C 99 13.72 -6.77 1.26
N LEU C 100 14.41 -7.79 0.77
CA LEU C 100 14.33 -9.14 1.31
C LEU C 100 14.64 -9.10 2.82
N PRO C 101 13.74 -9.61 3.67
CA PRO C 101 13.81 -9.31 5.11
C PRO C 101 15.02 -9.90 5.81
N THR C 102 15.52 -9.14 6.79
CA THR C 102 16.75 -9.49 7.50
C THR C 102 16.53 -9.17 8.97
N PHE C 103 16.58 -10.18 9.83
CA PHE C 103 16.42 -9.94 11.25
C PHE C 103 17.70 -9.34 11.83
N GLY C 104 17.57 -8.72 13.00
CA GLY C 104 18.70 -8.13 13.68
C GLY C 104 19.48 -9.14 14.49
N GLY C 105 20.39 -8.62 15.30
CA GLY C 105 21.20 -9.47 16.16
C GLY C 105 20.40 -10.08 17.29
N GLY C 106 19.96 -9.27 18.23
CA GLY C 106 19.14 -9.77 19.34
C GLY C 106 19.70 -9.32 20.68
N THR C 107 18.85 -8.61 21.42
CA THR C 107 19.17 -8.12 22.76
C THR C 107 18.27 -8.83 23.75
N LYS C 108 18.84 -9.28 24.87
CA LYS C 108 18.06 -9.97 25.88
C LYS C 108 18.10 -9.22 27.20
N LEU C 109 17.01 -9.33 27.96
CA LEU C 109 16.84 -8.59 29.20
C LEU C 109 17.04 -9.54 30.37
N GLU C 110 18.14 -9.36 31.09
CA GLU C 110 18.48 -10.21 32.23
C GLU C 110 18.17 -9.45 33.51
N ILE C 111 17.23 -9.99 34.30
CA ILE C 111 16.84 -9.36 35.54
C ILE C 111 17.97 -9.47 36.57
N LYS C 112 18.20 -8.39 37.31
CA LYS C 112 19.17 -8.42 38.40
C LYS C 112 18.44 -8.46 39.74
#